data_1ULK
#
_entry.id   1ULK
#
_cell.length_a   104.122
_cell.length_b   104.122
_cell.length_c   69.697
_cell.angle_alpha   90.00
_cell.angle_beta   90.00
_cell.angle_gamma   120.00
#
_symmetry.space_group_name_H-M   'H 3'
#
loop_
_entity.id
_entity.type
_entity.pdbx_description
1 polymer lectin-C
2 water water
#
_entity_poly.entity_id   1
_entity_poly.type   'polypeptide(L)'
_entity_poly.pdbx_seq_one_letter_code
;APVCGVRASGRVCPDGYCCSQWGYCGTTEEYCGKGCQSQCDYNRCGKEFGGKECHDELCCSQYGWCGNSDGHCGEGCQSQ
CSYWRCGKDFGGRLCTEDMCCSQYGWCGLTDDHCEDGCQSQCDLPT
;
_entity_poly.pdbx_strand_id   A,B
#
# COMPACT_ATOMS: atom_id res chain seq x y z
N ALA A 1 -13.84 -20.65 -12.93
CA ALA A 1 -14.54 -21.42 -11.85
C ALA A 1 -13.77 -21.26 -10.54
N PRO A 2 -14.46 -21.37 -9.40
CA PRO A 2 -13.86 -21.25 -8.07
C PRO A 2 -12.68 -22.20 -7.87
N VAL A 3 -11.62 -21.71 -7.22
CA VAL A 3 -10.45 -22.52 -6.97
C VAL A 3 -10.27 -22.80 -5.47
N CYS A 4 -11.09 -22.16 -4.64
CA CYS A 4 -11.00 -22.35 -3.20
C CYS A 4 -12.35 -22.09 -2.55
N GLY A 5 -12.50 -22.51 -1.30
CA GLY A 5 -13.73 -22.26 -0.59
C GLY A 5 -14.77 -23.34 -0.65
N VAL A 6 -15.98 -23.01 -0.19
CA VAL A 6 -17.07 -23.98 -0.18
C VAL A 6 -17.46 -24.50 -1.54
N ARG A 7 -17.18 -23.72 -2.59
CA ARG A 7 -17.52 -24.17 -3.95
C ARG A 7 -16.34 -24.87 -4.61
N ALA A 8 -15.31 -25.19 -3.83
CA ALA A 8 -14.13 -25.86 -4.36
C ALA A 8 -13.62 -26.91 -3.41
N SER A 9 -14.55 -27.69 -2.85
CA SER A 9 -14.21 -28.76 -1.92
C SER A 9 -13.46 -28.26 -0.69
N GLY A 10 -13.78 -27.03 -0.27
CA GLY A 10 -13.13 -26.47 0.91
C GLY A 10 -11.63 -26.33 0.76
N ARG A 11 -11.13 -26.30 -0.47
CA ARG A 11 -9.69 -26.15 -0.69
C ARG A 11 -9.21 -24.76 -0.30
N VAL A 12 -8.01 -24.69 0.28
CA VAL A 12 -7.43 -23.42 0.68
C VAL A 12 -6.48 -22.93 -0.40
N CYS A 13 -6.05 -21.67 -0.27
CA CYS A 13 -5.14 -21.06 -1.23
C CYS A 13 -3.67 -21.29 -0.90
N PRO A 14 -2.83 -21.40 -1.94
CA PRO A 14 -1.40 -21.62 -1.78
C PRO A 14 -0.72 -20.33 -1.31
N ASP A 15 0.47 -20.46 -0.74
CA ASP A 15 1.22 -19.30 -0.25
C ASP A 15 0.47 -18.49 0.80
N GLY A 16 -0.53 -19.10 1.43
CA GLY A 16 -1.30 -18.43 2.45
C GLY A 16 -2.24 -17.33 1.99
N TYR A 17 -2.53 -17.28 0.68
CA TYR A 17 -3.43 -16.26 0.15
C TYR A 17 -4.84 -16.41 0.70
N CYS A 18 -5.58 -15.30 0.72
CA CYS A 18 -6.96 -15.31 1.20
C CYS A 18 -7.88 -15.86 0.14
N CYS A 19 -8.88 -16.60 0.59
CA CYS A 19 -9.86 -17.15 -0.32
C CYS A 19 -11.09 -16.25 -0.22
N SER A 20 -11.43 -15.58 -1.33
CA SER A 20 -12.56 -14.65 -1.38
C SER A 20 -13.90 -15.33 -1.23
N GLN A 21 -14.93 -14.55 -0.93
CA GLN A 21 -16.23 -15.17 -0.76
C GLN A 21 -16.67 -15.87 -2.04
N TRP A 22 -16.17 -15.41 -3.20
CA TRP A 22 -16.53 -16.02 -4.48
C TRP A 22 -15.64 -17.20 -4.90
N GLY A 23 -14.63 -17.52 -4.09
CA GLY A 23 -13.79 -18.67 -4.39
C GLY A 23 -12.54 -18.46 -5.21
N TYR A 24 -11.88 -17.32 -4.99
CA TYR A 24 -10.65 -16.98 -5.70
C TYR A 24 -9.58 -16.57 -4.69
N CYS A 25 -8.32 -16.71 -5.08
CA CYS A 25 -7.19 -16.39 -4.21
C CYS A 25 -6.53 -15.04 -4.49
N GLY A 26 -6.27 -14.29 -3.42
CA GLY A 26 -5.64 -12.98 -3.56
C GLY A 26 -5.24 -12.39 -2.22
N THR A 27 -4.71 -11.17 -2.25
CA THR A 27 -4.25 -10.51 -1.04
C THR A 27 -4.87 -9.15 -0.80
N THR A 28 -5.82 -8.75 -1.65
CA THR A 28 -6.48 -7.47 -1.51
C THR A 28 -7.81 -7.57 -0.78
N GLU A 29 -8.47 -6.43 -0.63
CA GLU A 29 -9.75 -6.36 0.06
C GLU A 29 -10.78 -7.37 -0.47
N GLU A 30 -10.82 -7.51 -1.78
CA GLU A 30 -11.77 -8.44 -2.40
C GLU A 30 -11.65 -9.84 -1.80
N TYR A 31 -10.42 -10.26 -1.52
CA TYR A 31 -10.16 -11.60 -1.03
C TYR A 31 -10.09 -11.80 0.47
N CYS A 32 -9.45 -10.85 1.15
CA CYS A 32 -9.21 -10.91 2.59
C CYS A 32 -10.20 -10.17 3.45
N GLY A 33 -11.04 -9.37 2.80
CA GLY A 33 -12.01 -8.57 3.51
C GLY A 33 -13.29 -9.29 3.82
N LYS A 34 -14.40 -8.54 3.81
CA LYS A 34 -15.68 -9.12 4.13
C LYS A 34 -15.97 -10.33 3.23
N GLY A 35 -16.38 -11.42 3.86
CA GLY A 35 -16.71 -12.62 3.12
C GLY A 35 -15.56 -13.60 2.94
N CYS A 36 -14.36 -13.22 3.36
CA CYS A 36 -13.21 -14.09 3.20
C CYS A 36 -13.50 -15.44 3.87
N GLN A 37 -13.18 -16.53 3.17
CA GLN A 37 -13.45 -17.88 3.66
C GLN A 37 -12.35 -18.55 4.47
N SER A 38 -11.10 -18.27 4.14
CA SER A 38 -9.97 -18.88 4.82
C SER A 38 -8.67 -18.12 4.58
N GLN A 39 -7.71 -18.31 5.48
CA GLN A 39 -6.41 -17.65 5.42
C GLN A 39 -6.60 -16.16 5.25
N CYS A 40 -7.55 -15.63 6.02
CA CYS A 40 -7.92 -14.22 5.97
C CYS A 40 -6.98 -13.28 6.72
N ASP A 41 -5.98 -13.86 7.37
CA ASP A 41 -5.01 -13.09 8.15
C ASP A 41 -3.70 -12.87 7.39
N TYR A 42 -3.74 -13.05 6.08
CA TYR A 42 -2.54 -12.86 5.26
C TYR A 42 -1.86 -11.51 5.51
N ASN A 43 -2.66 -10.46 5.63
CA ASN A 43 -2.09 -9.13 5.85
C ASN A 43 -2.12 -8.71 7.31
N ARG A 44 -2.38 -9.65 8.22
CA ARG A 44 -2.42 -9.32 9.64
C ARG A 44 -1.11 -9.75 10.31
N CYS A 45 -0.82 -9.19 11.48
CA CYS A 45 0.45 -9.48 12.13
C CYS A 45 0.45 -8.95 13.55
N GLY A 46 1.50 -9.28 14.30
CA GLY A 46 1.58 -8.74 15.65
C GLY A 46 1.23 -9.64 16.81
N LYS A 47 1.29 -9.05 18.00
CA LYS A 47 1.04 -9.76 19.23
C LYS A 47 -0.35 -10.40 19.22
N GLU A 48 -1.32 -9.72 18.62
CA GLU A 48 -2.68 -10.25 18.59
C GLU A 48 -2.91 -11.30 17.51
N PHE A 49 -1.87 -11.61 16.76
CA PHE A 49 -1.96 -12.63 15.72
C PHE A 49 -0.83 -13.66 15.81
N GLY A 50 -0.66 -14.24 17.00
CA GLY A 50 0.37 -15.24 17.17
C GLY A 50 1.78 -14.72 16.97
N GLY A 51 1.94 -13.41 16.96
CA GLY A 51 3.25 -12.81 16.78
C GLY A 51 3.79 -12.98 15.36
N LYS A 52 2.93 -13.31 14.42
CA LYS A 52 3.38 -13.49 13.05
C LYS A 52 3.95 -12.19 12.45
N GLU A 53 4.93 -12.36 11.57
CA GLU A 53 5.55 -11.23 10.89
C GLU A 53 5.03 -11.16 9.47
N CYS A 54 5.08 -9.97 8.89
CA CYS A 54 4.57 -9.77 7.54
C CYS A 54 5.40 -10.34 6.41
N HIS A 55 4.69 -10.62 5.32
CA HIS A 55 5.28 -11.13 4.09
C HIS A 55 5.94 -9.93 3.39
N ASP A 56 6.87 -10.20 2.49
CA ASP A 56 7.57 -9.13 1.76
C ASP A 56 8.29 -8.13 2.68
N GLU A 57 8.67 -8.59 3.87
CA GLU A 57 9.37 -7.79 4.87
C GLU A 57 8.64 -6.51 5.29
N LEU A 58 7.33 -6.48 5.08
CA LEU A 58 6.53 -5.31 5.43
C LEU A 58 6.45 -5.04 6.93
N CYS A 59 6.24 -3.78 7.28
CA CYS A 59 6.13 -3.38 8.68
C CYS A 59 4.78 -3.79 9.24
N CYS A 60 4.76 -4.04 10.54
CA CYS A 60 3.52 -4.41 11.21
C CYS A 60 3.09 -3.24 12.10
N SER A 61 1.94 -2.67 11.78
CA SER A 61 1.42 -1.54 12.53
C SER A 61 0.95 -1.94 13.92
N GLN A 62 0.72 -0.94 14.74
CA GLN A 62 0.25 -1.12 16.11
C GLN A 62 -1.16 -1.71 16.10
N TYR A 63 -1.81 -1.72 14.94
CA TYR A 63 -3.15 -2.28 14.84
C TYR A 63 -3.12 -3.64 14.16
N GLY A 64 -1.93 -4.22 14.04
CA GLY A 64 -1.79 -5.53 13.44
C GLY A 64 -2.02 -5.64 11.95
N TRP A 65 -1.64 -4.61 11.21
CA TRP A 65 -1.79 -4.61 9.76
C TRP A 65 -0.40 -4.49 9.12
N CYS A 66 -0.24 -5.18 7.99
CA CYS A 66 1.01 -5.15 7.24
C CYS A 66 0.99 -4.02 6.22
N GLY A 67 2.11 -3.35 6.05
CA GLY A 67 2.16 -2.27 5.09
C GLY A 67 3.48 -1.55 5.15
N ASN A 68 3.61 -0.50 4.32
CA ASN A 68 4.84 0.26 4.35
C ASN A 68 4.62 1.76 4.47
N SER A 69 3.43 2.17 4.91
CA SER A 69 3.18 3.60 5.12
C SER A 69 3.81 3.96 6.46
N ASP A 70 3.91 5.25 6.76
CA ASP A 70 4.46 5.68 8.04
C ASP A 70 3.54 5.18 9.16
N GLY A 71 2.29 4.87 8.82
CA GLY A 71 1.35 4.38 9.82
C GLY A 71 1.65 2.95 10.20
N HIS A 72 2.42 2.28 9.34
CA HIS A 72 2.80 0.90 9.59
C HIS A 72 4.23 0.80 10.14
N CYS A 73 5.14 1.60 9.58
CA CYS A 73 6.55 1.57 9.97
C CYS A 73 6.97 2.57 11.02
N GLY A 74 6.13 3.58 11.23
CA GLY A 74 6.42 4.62 12.19
C GLY A 74 6.09 4.29 13.63
N GLU A 75 5.62 5.28 14.36
CA GLU A 75 5.26 5.09 15.76
C GLU A 75 4.33 3.92 15.98
N GLY A 76 4.69 3.04 16.90
CA GLY A 76 3.84 1.90 17.20
C GLY A 76 4.09 0.67 16.38
N CYS A 77 5.01 0.76 15.43
CA CYS A 77 5.33 -0.39 14.59
C CYS A 77 5.80 -1.56 15.46
N GLN A 78 5.26 -2.75 15.22
CA GLN A 78 5.58 -3.95 15.99
C GLN A 78 6.77 -4.80 15.53
N SER A 79 7.00 -4.86 14.23
CA SER A 79 8.10 -5.65 13.71
C SER A 79 8.46 -5.24 12.29
N GLN A 80 9.66 -5.63 11.86
CA GLN A 80 10.19 -5.34 10.54
C GLN A 80 9.99 -3.86 10.22
N CYS A 81 10.27 -3.02 11.22
CA CYS A 81 10.09 -1.58 11.08
C CYS A 81 11.11 -0.82 10.25
N SER A 82 12.21 -1.49 9.90
CA SER A 82 13.28 -0.85 9.11
C SER A 82 13.18 -1.07 7.61
N TYR A 83 11.96 -1.30 7.13
CA TYR A 83 11.68 -1.51 5.72
C TYR A 83 12.32 -0.49 4.78
N TRP A 84 12.29 0.78 5.18
CA TRP A 84 12.83 1.84 4.34
C TRP A 84 14.30 2.19 4.53
N ARG A 85 14.96 1.54 5.50
CA ARG A 85 16.37 1.84 5.75
C ARG A 85 17.29 0.79 5.16
N CYS A 86 18.50 1.21 4.81
CA CYS A 86 19.41 0.29 4.17
C CYS A 86 20.83 0.80 4.23
N GLY A 87 21.75 -0.03 3.78
CA GLY A 87 23.13 0.39 3.71
C GLY A 87 24.07 0.08 4.85
N LYS A 88 25.25 0.69 4.76
CA LYS A 88 26.32 0.48 5.73
C LYS A 88 25.91 0.79 7.16
N ASP A 89 25.07 1.80 7.36
CA ASP A 89 24.62 2.18 8.69
C ASP A 89 23.49 1.28 9.22
N PHE A 90 23.07 0.32 8.41
CA PHE A 90 22.02 -0.61 8.83
C PHE A 90 22.34 -2.05 8.50
N GLY A 91 23.49 -2.51 8.99
CA GLY A 91 23.91 -3.88 8.76
C GLY A 91 24.05 -4.28 7.31
N GLY A 92 24.15 -3.29 6.44
CA GLY A 92 24.28 -3.58 5.01
C GLY A 92 23.01 -4.13 4.38
N ARG A 93 21.88 -3.86 5.01
CA ARG A 93 20.61 -4.34 4.50
C ARG A 93 20.34 -3.87 3.09
N LEU A 94 19.81 -4.77 2.27
CA LEU A 94 19.46 -4.45 0.89
C LEU A 94 17.95 -4.20 0.87
N CYS A 95 17.52 -3.22 0.08
CA CYS A 95 16.10 -2.90 -0.04
C CYS A 95 15.34 -3.97 -0.79
N THR A 96 14.04 -4.07 -0.52
CA THR A 96 13.19 -5.02 -1.24
C THR A 96 12.80 -4.28 -2.54
N GLU A 97 12.07 -4.97 -3.41
CA GLU A 97 11.60 -4.41 -4.69
C GLU A 97 12.75 -3.82 -5.52
N ASP A 98 13.95 -4.34 -5.30
CA ASP A 98 15.17 -3.89 -5.98
C ASP A 98 15.37 -2.37 -5.87
N MET A 99 14.87 -1.76 -4.81
CA MET A 99 15.03 -0.32 -4.66
C MET A 99 16.49 0.09 -4.41
N CYS A 100 16.84 1.29 -4.84
CA CYS A 100 18.18 1.81 -4.64
C CYS A 100 18.33 2.25 -3.22
N CYS A 101 19.51 2.06 -2.66
CA CYS A 101 19.76 2.52 -1.30
C CYS A 101 20.55 3.82 -1.46
N SER A 102 19.96 4.92 -1.02
CA SER A 102 20.60 6.23 -1.16
C SER A 102 21.80 6.38 -0.24
N GLN A 103 22.52 7.48 -0.43
CA GLN A 103 23.70 7.77 0.39
C GLN A 103 23.26 7.96 1.84
N TYR A 104 22.02 8.43 2.03
CA TYR A 104 21.50 8.68 3.36
C TYR A 104 20.89 7.44 4.03
N GLY A 105 20.99 6.30 3.38
CA GLY A 105 20.47 5.08 3.95
C GLY A 105 18.97 4.87 3.81
N TRP A 106 18.38 5.41 2.76
CA TRP A 106 16.94 5.25 2.52
C TRP A 106 16.66 4.54 1.22
N CYS A 107 15.70 3.62 1.23
CA CYS A 107 15.30 2.90 0.04
C CYS A 107 14.41 3.81 -0.80
N GLY A 108 14.61 3.79 -2.12
CA GLY A 108 13.80 4.61 -2.98
C GLY A 108 14.00 4.26 -4.44
N LEU A 109 13.12 4.73 -5.32
CA LEU A 109 13.29 4.43 -6.73
C LEU A 109 13.43 5.68 -7.59
N THR A 110 13.79 6.78 -6.94
CA THR A 110 13.98 8.06 -7.63
C THR A 110 15.45 8.22 -8.03
N ASP A 111 15.73 9.18 -8.89
CA ASP A 111 17.10 9.41 -9.34
C ASP A 111 18.03 9.74 -8.19
N ASP A 112 17.61 10.66 -7.32
CA ASP A 112 18.44 11.06 -6.19
C ASP A 112 18.75 9.90 -5.24
N HIS A 113 18.06 8.78 -5.39
CA HIS A 113 18.35 7.62 -4.54
C HIS A 113 19.31 6.68 -5.23
N CYS A 114 19.28 6.70 -6.56
CA CYS A 114 20.10 5.81 -7.37
C CYS A 114 21.31 6.49 -7.98
N GLU A 115 21.34 7.82 -7.90
CA GLU A 115 22.40 8.65 -8.47
C GLU A 115 23.66 8.63 -7.61
N ASP A 116 24.20 9.82 -7.36
CA ASP A 116 25.42 9.98 -6.57
C ASP A 116 25.31 9.48 -5.13
N GLY A 117 26.19 8.57 -4.76
CA GLY A 117 26.18 8.05 -3.40
C GLY A 117 25.37 6.79 -3.17
N CYS A 118 24.68 6.33 -4.21
CA CYS A 118 23.87 5.13 -4.09
C CYS A 118 24.73 3.94 -3.64
N GLN A 119 24.27 3.27 -2.59
CA GLN A 119 25.00 2.16 -2.00
C GLN A 119 24.83 0.78 -2.60
N SER A 120 23.65 0.49 -3.12
CA SER A 120 23.39 -0.83 -3.68
C SER A 120 22.11 -0.80 -4.53
N GLN A 121 22.01 -1.76 -5.45
CA GLN A 121 20.85 -1.88 -6.34
C GLN A 121 20.56 -0.53 -6.99
N CYS A 122 21.61 0.06 -7.55
CA CYS A 122 21.51 1.37 -8.17
C CYS A 122 21.02 1.40 -9.61
N ASP A 123 20.68 0.24 -10.15
CA ASP A 123 20.19 0.15 -11.53
C ASP A 123 18.91 0.95 -11.72
N LEU A 124 18.94 1.88 -12.67
CA LEU A 124 17.78 2.72 -12.94
C LEU A 124 17.89 3.27 -14.35
N PRO A 125 16.85 3.09 -15.18
CA PRO A 125 16.85 3.57 -16.55
C PRO A 125 17.06 5.09 -16.65
N THR A 126 17.80 5.51 -17.66
CA THR A 126 18.10 6.92 -17.88
C THR A 126 18.74 7.13 -19.25
N ALA B 1 21.02 22.54 -4.23
CA ALA B 1 20.48 23.01 -2.92
C ALA B 1 19.08 22.45 -2.72
N PRO B 2 18.67 22.23 -1.45
CA PRO B 2 17.35 21.70 -1.12
C PRO B 2 16.24 22.48 -1.80
N VAL B 3 15.11 21.82 -2.07
CA VAL B 3 13.98 22.48 -2.71
C VAL B 3 12.91 22.93 -1.73
N CYS B 4 13.00 22.49 -0.48
CA CYS B 4 12.01 22.86 0.52
C CYS B 4 12.62 22.86 1.91
N GLY B 5 11.92 23.45 2.86
CA GLY B 5 12.38 23.44 4.23
C GLY B 5 13.19 24.63 4.67
N VAL B 6 13.80 24.51 5.84
CA VAL B 6 14.58 25.61 6.38
C VAL B 6 15.70 26.05 5.45
N ARG B 7 16.28 25.12 4.71
CA ARG B 7 17.37 25.43 3.78
C ARG B 7 16.88 26.03 2.46
N ALA B 8 15.58 26.19 2.34
CA ALA B 8 14.95 26.78 1.16
C ALA B 8 14.04 27.91 1.64
N SER B 9 14.52 28.68 2.61
CA SER B 9 13.75 29.81 3.12
C SER B 9 12.34 29.46 3.56
N GLY B 10 12.14 28.24 4.07
CA GLY B 10 10.81 27.86 4.51
C GLY B 10 9.82 27.46 3.44
N ARG B 11 10.25 27.42 2.18
CA ARG B 11 9.35 27.04 1.09
C ARG B 11 8.78 25.63 1.29
N VAL B 12 7.48 25.48 1.03
CA VAL B 12 6.83 24.18 1.16
C VAL B 12 6.77 23.49 -0.20
N CYS B 13 6.51 22.18 -0.18
CA CYS B 13 6.42 21.40 -1.41
C CYS B 13 5.10 21.62 -2.11
N PRO B 14 5.08 21.42 -3.42
CA PRO B 14 3.85 21.60 -4.21
C PRO B 14 2.90 20.42 -3.95
N ASP B 15 1.62 20.62 -4.24
CA ASP B 15 0.61 19.58 -4.10
C ASP B 15 0.52 18.92 -2.73
N GLY B 16 0.83 19.66 -1.68
CA GLY B 16 0.77 19.13 -0.32
C GLY B 16 1.81 18.08 0.05
N TYR B 17 2.86 17.90 -0.74
CA TYR B 17 3.87 16.88 -0.42
C TYR B 17 4.67 17.19 0.85
N CYS B 18 5.13 16.13 1.52
CA CYS B 18 5.92 16.29 2.74
C CYS B 18 7.34 16.73 2.38
N CYS B 19 7.92 17.56 3.24
CA CYS B 19 9.30 18.02 3.03
C CYS B 19 10.14 17.25 4.04
N SER B 20 11.11 16.47 3.54
CA SER B 20 11.97 15.65 4.40
C SER B 20 12.99 16.48 5.19
N GLN B 21 13.70 15.83 6.12
CA GLN B 21 14.69 16.55 6.91
C GLN B 21 15.82 17.04 6.03
N TRP B 22 16.02 16.40 4.89
CA TRP B 22 17.09 16.79 3.98
C TRP B 22 16.69 17.86 2.99
N GLY B 23 15.40 18.23 2.98
CA GLY B 23 14.97 19.28 2.08
C GLY B 23 14.42 18.85 0.74
N TYR B 24 13.86 17.65 0.67
CA TYR B 24 13.28 17.17 -0.58
C TYR B 24 11.81 16.84 -0.40
N CYS B 25 11.10 16.75 -1.52
CA CYS B 25 9.66 16.51 -1.51
C CYS B 25 9.27 15.07 -1.83
N GLY B 26 8.35 14.54 -1.05
CA GLY B 26 7.93 13.16 -1.25
C GLY B 26 6.68 12.83 -0.46
N THR B 27 6.25 11.58 -0.55
CA THR B 27 5.04 11.12 0.12
C THR B 27 5.23 9.85 0.97
N THR B 28 6.44 9.32 0.99
CA THR B 28 6.76 8.12 1.77
C THR B 28 7.34 8.46 3.14
N GLU B 29 7.64 7.43 3.93
CA GLU B 29 8.16 7.64 5.28
C GLU B 29 9.40 8.52 5.35
N GLU B 30 10.26 8.43 4.35
CA GLU B 30 11.48 9.23 4.34
C GLU B 30 11.15 10.73 4.42
N TYR B 31 10.04 11.09 3.79
CA TYR B 31 9.63 12.47 3.71
C TYR B 31 8.61 12.92 4.73
N CYS B 32 7.67 12.04 5.05
CA CYS B 32 6.58 12.38 5.96
C CYS B 32 6.69 11.91 7.41
N GLY B 33 7.67 11.08 7.70
CA GLY B 33 7.85 10.56 9.05
C GLY B 33 8.73 11.43 9.92
N LYS B 34 9.53 10.82 10.79
CA LYS B 34 10.39 11.61 11.66
C LYS B 34 11.28 12.56 10.85
N GLY B 35 11.40 13.79 11.36
CA GLY B 35 12.23 14.77 10.69
C GLY B 35 11.53 15.58 9.61
N CYS B 36 10.30 15.18 9.26
CA CYS B 36 9.54 15.90 8.25
C CYS B 36 9.36 17.35 8.70
N GLN B 37 9.62 18.28 7.79
CA GLN B 37 9.56 19.71 8.12
C GLN B 37 8.24 20.40 7.90
N SER B 38 7.45 19.91 6.95
CA SER B 38 6.19 20.56 6.67
C SER B 38 5.29 19.68 5.83
N GLN B 39 3.99 19.94 5.90
CA GLN B 39 2.97 19.19 5.15
C GLN B 39 3.13 17.70 5.37
N CYS B 40 3.35 17.31 6.61
CA CYS B 40 3.61 15.92 6.98
C CYS B 40 2.39 15.00 7.02
N ASP B 41 1.19 15.58 6.94
CA ASP B 41 -0.02 14.76 6.99
C ASP B 41 -0.62 14.48 5.62
N TYR B 42 0.22 14.50 4.60
CA TYR B 42 -0.22 14.23 3.24
C TYR B 42 -1.10 12.98 3.12
N ASN B 43 -0.70 11.88 3.74
CA ASN B 43 -1.49 10.66 3.64
C ASN B 43 -2.50 10.44 4.76
N ARG B 44 -2.78 11.49 5.53
CA ARG B 44 -3.75 11.38 6.61
C ARG B 44 -5.12 11.82 6.12
N CYS B 45 -6.17 11.36 6.80
CA CYS B 45 -7.52 11.68 6.37
C CYS B 45 -8.54 11.36 7.45
N GLY B 46 -9.77 11.78 7.23
CA GLY B 46 -10.80 11.44 8.20
C GLY B 46 -11.21 12.44 9.25
N LYS B 47 -11.93 11.92 10.25
CA LYS B 47 -12.43 12.73 11.34
C LYS B 47 -11.36 13.48 12.12
N GLU B 48 -10.19 12.86 12.27
CA GLU B 48 -9.12 13.50 13.02
C GLU B 48 -8.37 14.55 12.21
N PHE B 49 -8.73 14.69 10.94
CA PHE B 49 -8.08 15.68 10.09
C PHE B 49 -9.07 16.57 9.35
N GLY B 50 -9.99 17.17 10.11
CA GLY B 50 -10.97 18.07 9.52
C GLY B 50 -11.85 17.44 8.46
N GLY B 51 -12.02 16.12 8.53
CA GLY B 51 -12.84 15.41 7.57
C GLY B 51 -12.22 15.30 6.19
N LYS B 52 -10.91 15.54 6.11
CA LYS B 52 -10.22 15.50 4.82
C LYS B 52 -10.40 14.18 4.07
N GLU B 53 -10.49 14.29 2.75
CA GLU B 53 -10.61 13.13 1.90
C GLU B 53 -9.25 12.89 1.23
N CYS B 54 -9.02 11.66 0.81
CA CYS B 54 -7.75 11.30 0.19
C CYS B 54 -7.56 11.70 -1.25
N HIS B 55 -6.30 11.84 -1.63
CA HIS B 55 -5.94 12.18 -2.99
C HIS B 55 -6.08 10.89 -3.80
N ASP B 56 -6.15 11.05 -5.11
CA ASP B 56 -6.26 9.93 -6.03
C ASP B 56 -7.39 8.97 -5.69
N GLU B 57 -8.46 9.51 -5.12
CA GLU B 57 -9.65 8.73 -4.76
C GLU B 57 -9.35 7.51 -3.91
N LEU B 58 -8.33 7.60 -3.07
CA LEU B 58 -7.96 6.48 -2.20
C LEU B 58 -8.92 6.40 -1.02
N CYS B 59 -9.02 5.20 -0.44
CA CYS B 59 -9.91 5.00 0.71
C CYS B 59 -9.26 5.55 1.97
N CYS B 60 -10.08 6.09 2.87
CA CYS B 60 -9.56 6.59 4.12
C CYS B 60 -9.85 5.50 5.15
N SER B 61 -8.80 4.90 5.69
CA SER B 61 -8.98 3.83 6.66
C SER B 61 -9.55 4.35 7.97
N GLN B 62 -10.03 3.43 8.80
CA GLN B 62 -10.60 3.81 10.09
C GLN B 62 -9.54 4.46 10.96
N TYR B 63 -8.26 4.20 10.64
CA TYR B 63 -7.17 4.79 11.42
C TYR B 63 -6.70 6.12 10.84
N GLY B 64 -7.38 6.58 9.81
CA GLY B 64 -7.05 7.86 9.22
C GLY B 64 -5.88 7.90 8.26
N TRP B 65 -5.65 6.80 7.54
CA TRP B 65 -4.58 6.71 6.56
C TRP B 65 -5.14 6.41 5.17
N CYS B 66 -4.59 7.04 4.16
CA CYS B 66 -5.02 6.84 2.78
C CYS B 66 -4.36 5.63 2.11
N GLY B 67 -5.13 4.84 1.38
CA GLY B 67 -4.53 3.69 0.72
C GLY B 67 -5.58 2.81 0.09
N ASN B 68 -5.17 1.77 -0.62
CA ASN B 68 -6.15 0.88 -1.20
C ASN B 68 -5.85 -0.56 -0.81
N SER B 69 -4.78 -0.74 -0.05
CA SER B 69 -4.42 -2.08 0.39
C SER B 69 -5.39 -2.56 1.47
N ASP B 70 -5.31 -3.86 1.74
CA ASP B 70 -6.16 -4.49 2.75
C ASP B 70 -6.17 -3.66 4.03
N GLY B 71 -7.36 -3.43 4.57
CA GLY B 71 -7.50 -2.66 5.77
C GLY B 71 -7.88 -1.20 5.56
N HIS B 72 -7.93 -0.73 4.33
CA HIS B 72 -8.28 0.67 4.10
C HIS B 72 -9.69 0.92 3.62
N CYS B 73 -10.19 0.02 2.78
CA CYS B 73 -11.51 0.21 2.18
C CYS B 73 -12.63 -0.64 2.78
N GLY B 74 -12.28 -1.54 3.68
CA GLY B 74 -13.28 -2.42 4.30
C GLY B 74 -14.01 -1.82 5.48
N GLU B 75 -14.19 -2.61 6.54
CA GLU B 75 -14.90 -2.11 7.70
C GLU B 75 -14.17 -0.94 8.33
N GLY B 76 -14.94 0.08 8.70
CA GLY B 76 -14.35 1.26 9.32
C GLY B 76 -13.91 2.32 8.34
N CYS B 77 -13.85 1.99 7.05
CA CYS B 77 -13.44 2.97 6.07
C CYS B 77 -14.30 4.22 6.23
N GLN B 78 -13.65 5.38 6.21
CA GLN B 78 -14.33 6.65 6.41
C GLN B 78 -14.87 7.38 5.19
N SER B 79 -14.25 7.15 4.04
CA SER B 79 -14.68 7.81 2.83
C SER B 79 -13.99 7.19 1.63
N GLN B 80 -14.60 7.38 0.46
CA GLN B 80 -14.11 6.86 -0.81
C GLN B 80 -13.74 5.40 -0.68
N CYS B 81 -14.67 4.63 -0.12
CA CYS B 81 -14.47 3.22 0.13
C CYS B 81 -14.75 2.26 -1.04
N SER B 82 -15.25 2.78 -2.15
CA SER B 82 -15.60 1.96 -3.30
C SER B 82 -14.52 1.85 -4.36
N TYR B 83 -13.29 2.12 -3.97
CA TYR B 83 -12.15 2.08 -4.88
C TYR B 83 -12.09 0.82 -5.74
N TRP B 84 -12.34 -0.35 -5.15
CA TRP B 84 -12.26 -1.60 -5.89
C TRP B 84 -13.53 -2.12 -6.55
N ARG B 85 -14.61 -1.35 -6.51
CA ARG B 85 -15.89 -1.80 -7.09
C ARG B 85 -16.21 -1.23 -8.45
N CYS B 86 -16.95 -1.99 -9.24
CA CYS B 86 -17.26 -1.57 -10.59
C CYS B 86 -18.44 -2.35 -11.18
N GLY B 87 -18.88 -1.94 -12.38
CA GLY B 87 -19.93 -2.71 -13.03
C GLY B 87 -21.37 -2.25 -12.95
N LYS B 88 -22.25 -3.10 -13.45
CA LYS B 88 -23.67 -2.75 -13.47
C LYS B 88 -24.27 -2.50 -12.12
N ASP B 89 -23.83 -3.24 -11.09
CA ASP B 89 -24.38 -3.02 -9.76
C ASP B 89 -23.92 -1.70 -9.17
N PHE B 90 -22.98 -1.05 -9.86
CA PHE B 90 -22.48 0.24 -9.43
C PHE B 90 -22.66 1.34 -10.48
N GLY B 91 -23.75 1.23 -11.22
CA GLY B 91 -24.07 2.23 -12.22
C GLY B 91 -23.22 2.24 -13.47
N GLY B 92 -22.43 1.19 -13.65
CA GLY B 92 -21.58 1.09 -14.83
C GLY B 92 -20.19 1.66 -14.59
N ARG B 93 -19.84 1.91 -13.33
CA ARG B 93 -18.54 2.46 -12.98
C ARG B 93 -17.39 1.64 -13.58
N LEU B 94 -16.40 2.35 -14.11
CA LEU B 94 -15.24 1.67 -14.69
C LEU B 94 -14.09 1.71 -13.68
N CYS B 95 -13.21 0.71 -13.73
CA CYS B 95 -12.07 0.66 -12.84
C CYS B 95 -10.99 1.64 -13.27
N THR B 96 -10.18 2.07 -12.31
CA THR B 96 -9.09 2.97 -12.62
C THR B 96 -7.90 2.09 -13.03
N GLU B 97 -6.83 2.73 -13.48
CA GLU B 97 -5.62 2.04 -13.91
C GLU B 97 -5.90 0.95 -14.94
N ASP B 98 -6.95 1.16 -15.73
CA ASP B 98 -7.35 0.21 -16.76
C ASP B 98 -7.55 -1.23 -16.29
N MET B 99 -8.00 -1.39 -15.06
CA MET B 99 -8.23 -2.73 -14.53
C MET B 99 -9.54 -3.29 -15.07
N CYS B 100 -9.61 -4.62 -15.16
CA CYS B 100 -10.81 -5.30 -15.62
C CYS B 100 -11.84 -5.30 -14.53
N CYS B 101 -13.11 -5.27 -14.93
CA CYS B 101 -14.17 -5.33 -13.93
C CYS B 101 -14.72 -6.76 -14.00
N SER B 102 -14.58 -7.52 -12.92
CA SER B 102 -15.05 -8.90 -12.88
C SER B 102 -16.57 -9.04 -12.88
N GLN B 103 -17.04 -10.27 -13.07
CA GLN B 103 -18.47 -10.53 -13.11
C GLN B 103 -19.10 -10.21 -11.76
N TYR B 104 -18.27 -10.21 -10.71
CA TYR B 104 -18.75 -9.91 -9.36
C TYR B 104 -18.61 -8.44 -8.97
N GLY B 105 -18.21 -7.61 -9.92
CA GLY B 105 -18.08 -6.18 -9.65
C GLY B 105 -16.84 -5.74 -8.89
N TRP B 106 -15.73 -6.47 -9.06
CA TRP B 106 -14.47 -6.13 -8.41
C TRP B 106 -13.39 -5.85 -9.45
N CYS B 107 -12.56 -4.86 -9.17
CA CYS B 107 -11.48 -4.48 -10.09
C CYS B 107 -10.24 -5.34 -9.88
N GLY B 108 -9.63 -5.77 -10.98
CA GLY B 108 -8.42 -6.58 -10.87
C GLY B 108 -7.74 -6.80 -12.21
N LEU B 109 -6.59 -7.47 -12.20
CA LEU B 109 -5.84 -7.72 -13.43
C LEU B 109 -5.63 -9.22 -13.66
N THR B 110 -6.13 -10.03 -12.74
CA THR B 110 -6.00 -11.48 -12.85
C THR B 110 -6.91 -12.02 -13.94
N ASP B 111 -6.61 -13.21 -14.42
CA ASP B 111 -7.40 -13.81 -15.49
C ASP B 111 -8.88 -13.92 -15.17
N ASP B 112 -9.21 -14.32 -13.95
CA ASP B 112 -10.62 -14.48 -13.56
C ASP B 112 -11.39 -13.17 -13.58
N HIS B 113 -10.68 -12.05 -13.47
CA HIS B 113 -11.35 -10.75 -13.52
C HIS B 113 -11.51 -10.25 -14.95
N CYS B 114 -10.61 -10.67 -15.82
CA CYS B 114 -10.60 -10.23 -17.20
C CYS B 114 -11.22 -11.22 -18.17
N GLU B 115 -11.43 -12.45 -17.71
CA GLU B 115 -12.00 -13.50 -18.52
C GLU B 115 -13.51 -13.58 -18.41
N ASP B 116 -14.03 -14.79 -18.58
CA ASP B 116 -15.47 -15.03 -18.52
C ASP B 116 -16.22 -14.21 -17.49
N GLY B 117 -17.18 -13.44 -17.98
CA GLY B 117 -17.99 -12.61 -17.11
C GLY B 117 -17.52 -11.18 -16.97
N CYS B 118 -16.29 -10.89 -17.40
CA CYS B 118 -15.77 -9.54 -17.28
C CYS B 118 -16.75 -8.55 -17.89
N GLN B 119 -16.95 -7.43 -17.20
CA GLN B 119 -17.90 -6.42 -17.63
C GLN B 119 -17.34 -5.26 -18.46
N SER B 120 -16.10 -4.85 -18.19
CA SER B 120 -15.49 -3.74 -18.91
C SER B 120 -13.97 -3.75 -18.80
N GLN B 121 -13.30 -3.09 -19.76
CA GLN B 121 -11.84 -3.00 -19.79
C GLN B 121 -11.22 -4.37 -19.55
N CYS B 122 -11.71 -5.34 -20.32
CA CYS B 122 -11.26 -6.72 -20.18
C CYS B 122 -9.98 -7.04 -20.93
N ASP B 123 -9.36 -6.01 -21.49
CA ASP B 123 -8.12 -6.19 -22.22
C ASP B 123 -7.04 -6.73 -21.29
N LEU B 124 -6.82 -8.03 -21.35
CA LEU B 124 -5.79 -8.66 -20.52
C LEU B 124 -4.42 -8.09 -20.85
N PRO B 125 -3.58 -7.89 -19.83
CA PRO B 125 -2.23 -7.33 -20.01
C PRO B 125 -1.34 -8.17 -20.92
N THR B 126 -0.53 -7.50 -21.72
CA THR B 126 0.38 -8.15 -22.65
C THR B 126 1.82 -7.78 -22.39
#